data_1HI6
#
_entry.id   1HI6
#
_cell.length_a   102.960
_cell.length_b   102.960
_cell.length_c   294.090
_cell.angle_alpha   90.00
_cell.angle_beta   90.00
_cell.angle_gamma   120.00
#
_symmetry.space_group_name_H-M   'P 61 2 2'
#
loop_
_entity.id
_entity.type
_entity.pdbx_description
1 polymer 'IGG2A KAPPA ANTIBODY CB41 (LIGHT CHAIN)'
2 polymer 'IGG2A KAPPA ANTIBODY CB41 (HEAVY CHAIN)'
3 polymer 'PEPTIDE 5'
4 water water
#
loop_
_entity_poly.entity_id
_entity_poly.type
_entity_poly.pdbx_seq_one_letter_code
_entity_poly.pdbx_strand_id
1 'polypeptide(L)'
;DIKMTQSPSSMYTSLGERVTITCKASQDINSFLTWFLQKPGKSPKTLIYRANRLMIGVPSRFSGSGSGQTYSLTISSLEY
EDMGIYYCLQYDDFPLTFGAGTKLDLKRADAAPTVSIFPPSSEQLTSGGASVVCFLNNFYPKEINVKWKIDGSERQNGVL
DSWTEQDSKDSTYSMSSTLTLTKDEYERHNSYTCEATHKTSTSPIVKSFNRNEC
;
A
2 'polypeptide(L)'
;QDQLQQSGAELVRPGASVKLSCKALGYIFTDYEIHWVKQTPVHGLEWIGGIHPGSSGTAYNQKFKGKATLTADKSSTTAF
MELSSLTSEDSAVYYCTRKDYWGQGTLVTVSAAKTTAPSVYPLVPVCGGTTGSSVTLGCLVKGYFPEPVTLTWNSGSLSS
GVHTFPALLQSGLYTLSSSVTVTSNTWPSQTITCNVAHPASSTKVDKKIEPRV
;
B
3 'polypeptide(L)' DATPEWLGARL(NH2) C
#
loop_
_chem_comp.id
_chem_comp.type
_chem_comp.name
_chem_comp.formula
NH2 non-polymer 'AMINO GROUP' 'H2 N'
#
# COMPACT_ATOMS: atom_id res chain seq x y z
N ASP A 1 -23.41 3.13 17.25
CA ASP A 1 -22.14 2.98 16.47
C ASP A 1 -21.08 3.95 16.98
N ILE A 2 -20.17 3.41 17.78
CA ILE A 2 -19.08 4.19 18.36
C ILE A 2 -18.07 4.65 17.32
N LYS A 3 -17.83 5.95 17.32
CA LYS A 3 -16.88 6.54 16.40
C LYS A 3 -15.59 6.82 17.16
N MET A 4 -14.48 6.33 16.62
CA MET A 4 -13.18 6.57 17.25
C MET A 4 -12.49 7.69 16.48
N THR A 5 -12.18 8.79 17.16
CA THR A 5 -11.50 9.91 16.51
C THR A 5 -10.04 9.82 16.94
N GLN A 6 -9.17 9.45 16.00
CA GLN A 6 -7.75 9.32 16.30
C GLN A 6 -7.01 10.58 15.88
N SER A 7 -5.98 10.94 16.63
CA SER A 7 -5.19 12.13 16.31
C SER A 7 -3.82 12.05 16.98
N PRO A 8 -2.81 12.67 16.35
CA PRO A 8 -2.90 13.38 15.06
C PRO A 8 -3.05 12.36 13.94
N SER A 9 -3.32 12.81 12.72
CA SER A 9 -3.47 11.87 11.62
C SER A 9 -2.11 11.60 10.99
N SER A 10 -1.21 12.57 11.11
CA SER A 10 0.13 12.44 10.57
C SER A 10 1.13 12.88 11.63
N MET A 11 2.20 12.10 11.78
CA MET A 11 3.22 12.38 12.78
C MET A 11 4.63 12.46 12.17
N TYR A 12 5.21 13.63 12.31
CA TYR A 12 6.55 13.99 11.82
C TYR A 12 7.48 13.80 13.01
N THR A 13 8.29 12.75 13.02
CA THR A 13 9.15 12.52 14.17
C THR A 13 10.64 12.30 13.97
N SER A 14 11.32 12.19 15.10
CA SER A 14 12.74 11.98 15.17
C SER A 14 12.96 10.82 16.12
N LEU A 15 13.97 10.01 15.83
CA LEU A 15 14.28 8.88 16.67
C LEU A 15 14.63 9.36 18.07
N GLY A 16 14.25 8.56 19.06
CA GLY A 16 14.52 8.90 20.44
C GLY A 16 13.45 9.80 21.04
N GLU A 17 12.70 10.47 20.17
CA GLU A 17 11.64 11.36 20.61
C GLU A 17 10.51 10.63 21.35
N ARG A 18 9.76 11.36 22.16
CA ARG A 18 8.65 10.79 22.90
C ARG A 18 7.41 11.08 22.08
N VAL A 19 6.64 10.04 21.76
CA VAL A 19 5.45 10.20 20.93
C VAL A 19 4.12 9.83 21.60
N THR A 20 3.14 10.72 21.49
CA THR A 20 1.82 10.49 22.08
C THR A 20 0.73 10.55 21.02
N ILE A 21 -0.06 9.49 20.96
CA ILE A 21 -1.15 9.36 20.01
C ILE A 21 -2.44 9.30 20.81
N THR A 22 -3.50 9.95 20.32
CA THR A 22 -4.77 9.96 21.04
C THR A 22 -6.01 9.44 20.30
N CYS A 23 -6.87 8.73 21.02
CA CYS A 23 -8.12 8.23 20.44
C CYS A 23 -9.26 8.58 21.40
N LYS A 24 -10.27 9.25 20.86
CA LYS A 24 -11.43 9.62 21.65
C LYS A 24 -12.64 8.87 21.12
N ALA A 25 -13.32 8.16 22.00
CA ALA A 25 -14.54 7.42 21.62
C ALA A 25 -15.73 8.36 21.77
N SER A 26 -16.69 8.24 20.86
CA SER A 26 -17.88 9.07 20.92
C SER A 26 -18.77 8.73 22.13
N GLN A 27 -18.31 7.82 22.98
CA GLN A 27 -19.02 7.43 24.20
C GLN A 27 -18.08 6.59 25.06
N ASP A 28 -18.46 6.38 26.32
CA ASP A 28 -17.67 5.59 27.26
C ASP A 28 -17.42 4.19 26.69
N ILE A 29 -16.16 3.74 26.68
CA ILE A 29 -15.88 2.41 26.16
C ILE A 29 -15.23 1.49 27.18
N ASN A 30 -15.20 1.95 28.42
CA ASN A 30 -14.67 1.22 29.56
C ASN A 30 -13.35 0.48 29.35
N SER A 31 -12.35 1.19 28.85
CA SER A 31 -11.04 0.63 28.65
C SER A 31 -10.95 -0.58 27.71
N PHE A 32 -12.02 -0.88 26.98
CA PHE A 32 -11.96 -2.00 26.05
C PHE A 32 -11.43 -1.50 24.71
N LEU A 33 -10.12 -1.29 24.69
CA LEU A 33 -9.45 -0.77 23.52
C LEU A 33 -8.06 -1.39 23.34
N THR A 34 -7.61 -1.46 22.10
CA THR A 34 -6.27 -1.97 21.81
C THR A 34 -5.58 -0.96 20.91
N TRP A 35 -4.26 -1.02 20.91
CA TRP A 35 -3.42 -0.18 20.07
C TRP A 35 -2.58 -1.15 19.27
N PHE A 36 -2.55 -0.98 17.96
CA PHE A 36 -1.74 -1.83 17.13
C PHE A 36 -1.02 -1.04 16.05
N LEU A 37 0.08 -1.62 15.60
CA LEU A 37 0.90 -1.02 14.58
C LEU A 37 0.88 -1.91 13.36
N GLN A 38 0.87 -1.31 12.19
CA GLN A 38 0.90 -2.04 10.95
C GLN A 38 1.93 -1.38 10.03
N LYS A 39 2.84 -2.19 9.50
CA LYS A 39 3.88 -1.71 8.58
C LYS A 39 3.45 -2.00 7.15
N PRO A 40 3.99 -1.24 6.18
CA PRO A 40 3.62 -1.44 4.77
C PRO A 40 3.73 -2.90 4.34
N GLY A 41 2.68 -3.39 3.69
CA GLY A 41 2.65 -4.76 3.22
C GLY A 41 2.70 -5.81 4.33
N LYS A 42 2.57 -5.39 5.58
CA LYS A 42 2.60 -6.33 6.70
C LYS A 42 1.29 -6.35 7.47
N SER A 43 1.08 -7.36 8.30
CA SER A 43 -0.16 -7.46 9.08
C SER A 43 -0.09 -6.72 10.42
N PRO A 44 -1.26 -6.38 10.98
CA PRO A 44 -1.30 -5.66 12.26
C PRO A 44 -0.61 -6.40 13.40
N LYS A 45 -0.12 -5.63 14.35
CA LYS A 45 0.57 -6.16 15.51
C LYS A 45 0.12 -5.36 16.73
N THR A 46 -0.55 -6.02 17.65
CA THR A 46 -1.05 -5.38 18.84
C THR A 46 0.08 -5.00 19.80
N LEU A 47 -0.07 -3.84 20.42
CA LEU A 47 0.90 -3.35 21.38
C LEU A 47 0.24 -3.35 22.75
N ILE A 48 -1.03 -2.96 22.77
CA ILE A 48 -1.77 -2.82 23.99
C ILE A 48 -3.21 -3.32 23.91
N TYR A 49 -3.67 -3.96 24.97
CA TYR A 49 -5.03 -4.40 25.05
C TYR A 49 -5.57 -3.93 26.38
N ARG A 50 -6.87 -3.65 26.42
CA ARG A 50 -7.57 -3.14 27.59
C ARG A 50 -6.99 -1.81 28.03
N ALA A 51 -6.71 -0.96 27.04
CA ALA A 51 -6.20 0.37 27.25
C ALA A 51 -4.79 0.53 27.79
N ASN A 52 -4.33 -0.39 28.63
CA ASN A 52 -3.00 -0.20 29.21
C ASN A 52 -2.24 -1.47 29.59
N ARG A 53 -2.53 -2.59 28.96
CA ARG A 53 -1.81 -3.80 29.28
C ARG A 53 -0.96 -4.19 28.08
N LEU A 54 0.33 -4.37 28.33
CA LEU A 54 1.29 -4.71 27.30
C LEU A 54 1.18 -6.12 26.79
N MET A 55 1.19 -6.26 25.48
CA MET A 55 1.17 -7.56 24.84
C MET A 55 2.52 -8.17 25.16
N ILE A 56 2.55 -9.44 25.51
CA ILE A 56 3.81 -10.12 25.82
C ILE A 56 4.74 -9.98 24.62
N GLY A 57 5.99 -9.66 24.90
CA GLY A 57 6.96 -9.51 23.82
C GLY A 57 7.05 -8.09 23.28
N VAL A 58 6.14 -7.22 23.69
CA VAL A 58 6.16 -5.83 23.23
C VAL A 58 7.05 -5.02 24.14
N PRO A 59 7.99 -4.26 23.57
CA PRO A 59 8.90 -3.42 24.37
C PRO A 59 8.22 -2.42 25.30
N SER A 60 8.76 -2.33 26.51
CA SER A 60 8.24 -1.45 27.55
C SER A 60 8.18 0.04 27.24
N ARG A 61 8.83 0.48 26.16
CA ARG A 61 8.78 1.90 25.83
C ARG A 61 7.36 2.26 25.36
N PHE A 62 6.53 1.23 25.15
CA PHE A 62 5.14 1.43 24.75
C PHE A 62 4.25 1.35 26.00
N SER A 63 3.35 2.33 26.17
CA SER A 63 2.43 2.30 27.31
C SER A 63 1.12 2.97 26.92
N GLY A 64 0.01 2.51 27.51
CA GLY A 64 -1.30 3.06 27.21
C GLY A 64 -2.01 3.62 28.43
N SER A 65 -2.98 4.51 28.21
CA SER A 65 -3.72 5.08 29.34
C SER A 65 -5.06 5.66 28.87
N GLY A 66 -5.90 6.02 29.83
CA GLY A 66 -7.22 6.55 29.52
C GLY A 66 -8.26 5.72 30.24
N SER A 67 -9.50 6.19 30.32
CA SER A 67 -10.50 5.41 31.05
C SER A 67 -11.96 5.53 30.60
N GLY A 68 -12.35 6.68 30.07
CA GLY A 68 -13.73 6.83 29.65
C GLY A 68 -13.87 6.91 28.16
N GLN A 69 -13.62 8.09 27.61
CA GLN A 69 -13.71 8.30 26.18
C GLN A 69 -12.36 8.66 25.58
N THR A 70 -11.38 8.94 26.43
CA THR A 70 -10.07 9.36 25.97
C THR A 70 -8.92 8.42 26.30
N TYR A 71 -8.27 7.91 25.26
CA TYR A 71 -7.16 6.99 25.45
C TYR A 71 -5.90 7.42 24.70
N SER A 72 -4.77 7.25 25.35
CA SER A 72 -3.50 7.62 24.76
C SER A 72 -2.48 6.51 24.72
N LEU A 73 -1.70 6.50 23.65
CA LEU A 73 -0.62 5.54 23.49
C LEU A 73 0.64 6.38 23.54
N THR A 74 1.58 6.00 24.39
CA THR A 74 2.81 6.75 24.49
C THR A 74 4.02 5.89 24.14
N ILE A 75 4.90 6.44 23.29
CA ILE A 75 6.11 5.73 22.91
C ILE A 75 7.20 6.59 23.57
N SER A 76 7.80 6.05 24.62
CA SER A 76 8.81 6.79 25.39
C SER A 76 10.00 7.27 24.57
N SER A 77 10.50 6.44 23.66
CA SER A 77 11.63 6.82 22.82
C SER A 77 11.57 6.10 21.48
N LEU A 78 11.13 6.81 20.46
CA LEU A 78 11.00 6.23 19.13
C LEU A 78 12.22 5.53 18.56
N GLU A 79 11.98 4.38 17.93
CA GLU A 79 13.04 3.62 17.32
C GLU A 79 12.66 3.38 15.86
N TYR A 80 13.68 3.18 15.02
CA TYR A 80 13.44 2.95 13.60
C TYR A 80 12.34 1.93 13.39
N GLU A 81 12.40 0.84 14.16
CA GLU A 81 11.43 -0.26 14.12
C GLU A 81 9.99 0.22 14.29
N ASP A 82 9.81 1.31 15.02
CA ASP A 82 8.47 1.83 15.30
C ASP A 82 7.74 2.54 14.16
N MET A 83 8.42 2.79 13.04
CA MET A 83 7.76 3.48 11.94
C MET A 83 6.63 2.64 11.36
N GLY A 84 5.58 3.30 10.94
CA GLY A 84 4.43 2.62 10.36
C GLY A 84 3.16 3.37 10.72
N ILE A 85 2.02 2.70 10.65
CA ILE A 85 0.78 3.37 10.99
C ILE A 85 0.14 2.80 12.25
N TYR A 86 -0.20 3.67 13.19
CA TYR A 86 -0.82 3.23 14.44
C TYR A 86 -2.34 3.38 14.45
N TYR A 87 -3.03 2.39 14.99
CA TYR A 87 -4.50 2.40 15.05
C TYR A 87 -5.01 1.97 16.42
N CYS A 88 -6.21 2.44 16.75
CA CYS A 88 -6.86 2.03 18.00
C CYS A 88 -8.12 1.28 17.63
N LEU A 89 -8.52 0.32 18.46
CA LEU A 89 -9.73 -0.46 18.22
C LEU A 89 -10.56 -0.55 19.47
N GLN A 90 -11.86 -0.25 19.36
CA GLN A 90 -12.73 -0.37 20.52
C GLN A 90 -13.55 -1.67 20.37
N TYR A 91 -13.61 -2.46 21.43
CA TYR A 91 -14.39 -3.70 21.38
C TYR A 91 -15.32 -3.79 22.60
N ASP A 92 -15.80 -2.65 23.02
CA ASP A 92 -16.70 -2.55 24.15
C ASP A 92 -18.10 -2.86 23.65
N ASP A 93 -18.33 -2.66 22.36
CA ASP A 93 -19.64 -2.88 21.81
C ASP A 93 -19.63 -3.08 20.28
N PHE A 94 -20.53 -3.91 19.79
CA PHE A 94 -20.61 -4.15 18.35
C PHE A 94 -21.36 -3.00 17.71
N PRO A 95 -20.96 -2.60 16.49
CA PRO A 95 -19.86 -3.18 15.71
C PRO A 95 -18.48 -2.68 16.16
N LEU A 96 -17.46 -3.54 16.12
CA LEU A 96 -16.11 -3.11 16.50
C LEU A 96 -15.74 -1.99 15.56
N THR A 97 -15.06 -0.97 16.08
CA THR A 97 -14.67 0.16 15.24
C THR A 97 -13.24 0.62 15.44
N PHE A 98 -12.66 1.17 14.38
CA PHE A 98 -11.26 1.62 14.39
C PHE A 98 -11.10 3.12 14.21
N GLY A 99 -9.97 3.63 14.69
CA GLY A 99 -9.65 5.03 14.49
C GLY A 99 -9.08 5.05 13.08
N ALA A 100 -8.99 6.24 12.48
CA ALA A 100 -8.46 6.36 11.13
C ALA A 100 -6.94 6.17 11.07
N GLY A 101 -6.31 6.04 12.24
CA GLY A 101 -4.87 5.82 12.31
C GLY A 101 -4.00 7.06 12.24
N THR A 102 -2.72 6.88 12.54
CA THR A 102 -1.78 7.98 12.44
C THR A 102 -0.47 7.48 11.89
N LYS A 103 -0.04 8.09 10.79
CA LYS A 103 1.19 7.73 10.14
C LYS A 103 2.36 8.35 10.88
N LEU A 104 3.32 7.52 11.26
CA LEU A 104 4.51 8.00 11.95
C LEU A 104 5.52 8.21 10.83
N ASP A 105 6.10 9.39 10.78
CA ASP A 105 7.06 9.71 9.74
C ASP A 105 8.37 10.31 10.25
N LEU A 106 9.49 9.85 9.71
CA LEU A 106 10.79 10.38 10.12
C LEU A 106 11.03 11.75 9.49
N LYS A 107 11.10 12.76 10.34
CA LYS A 107 11.32 14.13 9.87
C LYS A 107 12.73 14.35 9.33
N ARG A 108 12.84 15.29 8.39
CA ARG A 108 14.10 15.67 7.77
C ARG A 108 13.88 17.02 7.12
N ALA A 109 14.95 17.60 6.58
CA ALA A 109 14.87 18.89 5.92
C ALA A 109 13.98 18.81 4.68
N ASP A 110 13.32 19.92 4.35
CA ASP A 110 12.46 19.95 3.17
C ASP A 110 13.30 19.71 1.92
N ALA A 111 12.81 18.85 1.04
CA ALA A 111 13.51 18.53 -0.19
C ALA A 111 12.56 18.51 -1.38
N ALA A 112 12.87 19.34 -2.37
CA ALA A 112 12.06 19.41 -3.58
C ALA A 112 12.33 18.15 -4.37
N PRO A 113 11.41 17.79 -5.27
CA PRO A 113 11.58 16.59 -6.09
C PRO A 113 12.47 16.79 -7.30
N THR A 114 13.09 15.71 -7.76
CA THR A 114 13.93 15.74 -8.95
C THR A 114 12.98 15.20 -10.01
N VAL A 115 12.60 16.04 -10.97
CA VAL A 115 11.64 15.66 -12.01
C VAL A 115 12.24 15.34 -13.37
N SER A 116 11.73 14.25 -13.94
CA SER A 116 12.16 13.78 -15.24
C SER A 116 10.95 13.26 -16.02
N ILE A 117 10.77 13.75 -17.24
CA ILE A 117 9.66 13.32 -18.08
C ILE A 117 10.18 12.40 -19.17
N PHE A 118 9.35 11.45 -19.58
CA PHE A 118 9.77 10.51 -20.61
C PHE A 118 8.75 10.27 -21.70
N PRO A 119 9.10 10.63 -22.93
CA PRO A 119 8.18 10.43 -24.07
C PRO A 119 7.96 8.94 -24.25
N PRO A 120 6.95 8.56 -25.05
CA PRO A 120 6.70 7.12 -25.25
C PRO A 120 7.91 6.45 -25.91
N SER A 121 8.12 5.17 -25.63
CA SER A 121 9.22 4.46 -26.25
C SER A 121 8.79 4.19 -27.69
N SER A 122 9.73 3.80 -28.54
CA SER A 122 9.42 3.49 -29.94
C SER A 122 8.69 2.17 -30.06
N GLU A 123 8.98 1.25 -29.15
CA GLU A 123 8.32 -0.05 -29.17
C GLU A 123 6.84 0.10 -28.84
N GLN A 124 6.54 0.89 -27.81
CA GLN A 124 5.14 1.08 -27.43
C GLN A 124 4.37 1.76 -28.57
N LEU A 125 4.98 2.76 -29.19
CA LEU A 125 4.34 3.46 -30.30
C LEU A 125 3.99 2.47 -31.39
N THR A 126 4.85 1.49 -31.58
CA THR A 126 4.63 0.47 -32.59
C THR A 126 3.40 -0.38 -32.20
N SER A 127 3.21 -0.58 -30.90
CA SER A 127 2.08 -1.37 -30.39
C SER A 127 0.76 -0.61 -30.54
N GLY A 128 0.84 0.66 -30.88
CA GLY A 128 -0.36 1.46 -31.05
C GLY A 128 -0.66 2.27 -29.82
N GLY A 129 0.17 2.10 -28.79
CA GLY A 129 -0.04 2.83 -27.55
C GLY A 129 0.94 3.96 -27.33
N ALA A 130 0.66 4.80 -26.34
CA ALA A 130 1.52 5.92 -26.00
C ALA A 130 1.46 6.27 -24.52
N SER A 131 2.55 6.05 -23.79
CA SER A 131 2.61 6.35 -22.36
C SER A 131 3.71 7.37 -22.05
N VAL A 132 3.31 8.50 -21.48
CA VAL A 132 4.27 9.54 -21.13
C VAL A 132 4.48 9.42 -19.61
N VAL A 133 5.69 9.05 -19.22
CA VAL A 133 5.99 8.87 -17.80
C VAL A 133 6.70 10.07 -17.24
N CYS A 134 6.55 10.28 -15.94
CA CYS A 134 7.19 11.40 -15.27
C CYS A 134 7.53 10.96 -13.85
N PHE A 135 8.78 11.18 -13.43
CA PHE A 135 9.20 10.78 -12.08
C PHE A 135 9.45 12.00 -11.24
N LEU A 136 8.85 12.02 -10.05
CA LEU A 136 9.06 13.10 -9.12
C LEU A 136 9.78 12.33 -8.01
N ASN A 137 11.11 12.43 -8.01
CA ASN A 137 11.94 11.69 -7.06
C ASN A 137 12.62 12.42 -5.91
N ASN A 138 12.68 11.73 -4.78
CA ASN A 138 13.32 12.18 -3.54
C ASN A 138 12.95 13.52 -2.94
N PHE A 139 11.68 13.68 -2.58
CA PHE A 139 11.21 14.91 -1.97
C PHE A 139 10.68 14.64 -0.57
N TYR A 140 10.46 15.72 0.19
CA TYR A 140 9.93 15.65 1.55
C TYR A 140 9.27 17.00 1.85
N PRO A 141 8.06 16.98 2.43
CA PRO A 141 7.22 15.83 2.84
C PRO A 141 6.57 15.07 1.68
N LYS A 142 5.92 13.97 2.02
CA LYS A 142 5.25 13.10 1.05
C LYS A 142 4.18 13.77 0.20
N GLU A 143 3.58 14.85 0.70
CA GLU A 143 2.54 15.53 -0.04
C GLU A 143 3.06 16.34 -1.23
N ILE A 144 2.58 15.96 -2.42
CA ILE A 144 3.00 16.61 -3.64
C ILE A 144 1.88 16.57 -4.69
N ASN A 145 1.82 17.58 -5.54
CA ASN A 145 0.78 17.62 -6.58
C ASN A 145 1.38 17.54 -7.99
N VAL A 146 0.74 16.78 -8.86
CA VAL A 146 1.19 16.64 -10.24
C VAL A 146 0.06 16.94 -11.22
N LYS A 147 0.35 17.77 -12.21
CA LYS A 147 -0.63 18.12 -13.23
C LYS A 147 -0.03 17.97 -14.62
N TRP A 148 -0.77 17.37 -15.53
CA TRP A 148 -0.29 17.20 -16.89
C TRP A 148 -0.90 18.24 -17.81
N LYS A 149 -0.15 18.61 -18.85
CA LYS A 149 -0.62 19.58 -19.82
C LYS A 149 -0.20 19.14 -21.22
N ILE A 150 -1.16 19.21 -22.14
CA ILE A 150 -0.92 18.85 -23.52
C ILE A 150 -1.26 20.10 -24.32
N ASP A 151 -0.35 20.47 -25.22
CA ASP A 151 -0.52 21.68 -26.03
C ASP A 151 -1.11 22.82 -25.18
N GLY A 152 -0.64 22.94 -23.95
CA GLY A 152 -1.08 24.01 -23.07
C GLY A 152 -2.32 23.79 -22.20
N SER A 153 -3.11 22.77 -22.50
CA SER A 153 -4.31 22.52 -21.69
C SER A 153 -4.19 21.28 -20.81
N GLU A 154 -4.66 21.42 -19.57
CA GLU A 154 -4.63 20.34 -18.58
C GLU A 154 -5.29 19.04 -19.05
N ARG A 155 -4.66 17.92 -18.73
CA ARG A 155 -5.17 16.61 -19.09
C ARG A 155 -5.51 15.88 -17.80
N GLN A 156 -6.79 15.52 -17.63
CA GLN A 156 -7.25 14.85 -16.42
C GLN A 156 -7.16 13.33 -16.39
N ASN A 157 -7.71 12.65 -17.39
CA ASN A 157 -7.63 11.19 -17.35
C ASN A 157 -6.52 10.62 -18.20
N GLY A 158 -6.24 9.34 -17.98
CA GLY A 158 -5.17 8.67 -18.68
C GLY A 158 -4.00 8.72 -17.71
N VAL A 159 -4.21 9.44 -16.60
CA VAL A 159 -3.20 9.61 -15.56
C VAL A 159 -3.34 8.60 -14.44
N LEU A 160 -2.22 7.99 -14.03
CA LEU A 160 -2.22 7.03 -12.94
C LEU A 160 -0.97 7.22 -12.12
N ASP A 161 -1.13 7.53 -10.83
CA ASP A 161 0.00 7.79 -9.96
C ASP A 161 0.28 6.66 -8.96
N SER A 162 1.54 6.57 -8.56
CA SER A 162 1.99 5.54 -7.63
C SER A 162 3.09 6.13 -6.73
N TRP A 163 2.95 5.92 -5.43
CA TRP A 163 3.90 6.43 -4.43
C TRP A 163 4.73 5.34 -3.81
N THR A 164 5.93 5.71 -3.36
CA THR A 164 6.81 4.77 -2.67
C THR A 164 6.61 5.09 -1.20
N GLU A 165 7.14 4.27 -0.33
CA GLU A 165 7.04 4.56 1.09
C GLU A 165 8.33 5.35 1.40
N GLN A 166 8.37 6.03 2.53
CA GLN A 166 9.57 6.79 2.87
C GLN A 166 10.81 5.91 2.75
N ASP A 167 11.88 6.49 2.18
CA ASP A 167 13.14 5.79 2.00
C ASP A 167 13.84 5.61 3.36
N SER A 168 14.34 4.41 3.60
CA SER A 168 15.02 4.11 4.86
C SER A 168 16.34 4.87 5.04
N LYS A 169 16.98 5.23 3.94
CA LYS A 169 18.25 5.94 4.01
C LYS A 169 18.16 7.48 4.04
N ASP A 170 17.43 8.09 3.11
CA ASP A 170 17.36 9.55 3.11
C ASP A 170 16.06 10.17 3.60
N SER A 171 15.07 9.34 3.90
CA SER A 171 13.79 9.81 4.41
C SER A 171 12.92 10.59 3.42
N THR A 172 13.20 10.47 2.13
CA THR A 172 12.37 11.18 1.14
C THR A 172 11.30 10.21 0.62
N TYR A 173 10.49 10.70 -0.32
CA TYR A 173 9.45 9.88 -0.94
C TYR A 173 9.58 10.08 -2.43
N SER A 174 8.94 9.22 -3.20
CA SER A 174 8.97 9.33 -4.65
C SER A 174 7.65 8.86 -5.22
N MET A 175 7.28 9.38 -6.38
CA MET A 175 6.05 8.98 -7.03
C MET A 175 6.21 9.01 -8.53
N SER A 176 5.56 8.06 -9.20
CA SER A 176 5.62 7.93 -10.64
C SER A 176 4.28 8.32 -11.24
N SER A 177 4.30 9.16 -12.28
CA SER A 177 3.06 9.58 -12.93
C SER A 177 3.07 9.16 -14.39
N THR A 178 2.06 8.39 -14.78
CA THR A 178 1.96 7.92 -16.14
C THR A 178 0.68 8.40 -16.84
N LEU A 179 0.87 9.08 -17.96
CA LEU A 179 -0.25 9.57 -18.76
C LEU A 179 -0.34 8.67 -19.97
N THR A 180 -1.39 7.85 -20.05
CA THR A 180 -1.57 6.94 -21.16
C THR A 180 -2.56 7.45 -22.19
N LEU A 181 -2.25 7.19 -23.45
CA LEU A 181 -3.08 7.63 -24.58
C LEU A 181 -2.92 6.62 -25.70
N THR A 182 -3.71 6.80 -26.75
CA THR A 182 -3.60 5.95 -27.92
C THR A 182 -2.51 6.64 -28.75
N LYS A 183 -1.92 5.93 -29.70
CA LYS A 183 -0.89 6.55 -30.53
C LYS A 183 -1.52 7.72 -31.31
N ASP A 184 -2.72 7.50 -31.85
CA ASP A 184 -3.38 8.54 -32.62
C ASP A 184 -3.62 9.84 -31.86
N GLU A 185 -3.98 9.76 -30.59
CA GLU A 185 -4.21 10.98 -29.84
C GLU A 185 -2.89 11.67 -29.50
N TYR A 186 -1.87 10.87 -29.24
CA TYR A 186 -0.56 11.40 -28.90
C TYR A 186 0.07 12.14 -30.09
N GLU A 187 -0.14 11.61 -31.29
CA GLU A 187 0.42 12.23 -32.49
C GLU A 187 -0.38 13.39 -33.04
N ARG A 188 -1.35 13.87 -32.25
CA ARG A 188 -2.17 15.00 -32.67
C ARG A 188 -1.86 16.20 -31.81
N HIS A 189 -0.86 16.05 -30.94
CA HIS A 189 -0.45 17.14 -30.04
C HIS A 189 1.09 17.21 -30.03
N ASN A 190 1.63 18.37 -29.66
CA ASN A 190 3.09 18.51 -29.67
C ASN A 190 3.82 18.56 -28.32
N SER A 191 3.50 19.53 -27.48
CA SER A 191 4.18 19.66 -26.20
C SER A 191 3.45 18.98 -25.04
N TYR A 192 4.21 18.19 -24.30
CA TYR A 192 3.69 17.46 -23.16
C TYR A 192 4.46 17.91 -21.93
N THR A 193 3.75 18.51 -21.00
CA THR A 193 4.35 19.02 -19.78
C THR A 193 3.93 18.27 -18.52
N CYS A 194 4.87 18.20 -17.59
CA CYS A 194 4.69 17.55 -16.31
C CYS A 194 4.93 18.66 -15.29
N GLU A 195 3.96 18.93 -14.42
CA GLU A 195 4.10 19.98 -13.41
C GLU A 195 3.96 19.47 -11.99
N ALA A 196 5.01 19.64 -11.20
CA ALA A 196 5.00 19.17 -9.82
C ALA A 196 4.97 20.33 -8.84
N THR A 197 3.92 20.38 -8.03
CA THR A 197 3.78 21.42 -7.02
C THR A 197 4.08 20.78 -5.68
N HIS A 198 4.97 21.39 -4.91
CA HIS A 198 5.36 20.83 -3.63
C HIS A 198 5.66 21.95 -2.64
N LYS A 199 5.46 21.66 -1.36
CA LYS A 199 5.71 22.65 -0.31
C LYS A 199 6.99 23.44 -0.52
N THR A 200 8.07 22.76 -0.87
CA THR A 200 9.37 23.40 -1.07
C THR A 200 9.38 24.60 -2.02
N SER A 201 8.21 24.94 -2.58
CA SER A 201 8.14 26.08 -3.49
C SER A 201 6.73 26.45 -3.92
N THR A 202 6.56 27.72 -4.29
CA THR A 202 5.27 28.23 -4.75
C THR A 202 5.06 27.84 -6.20
N SER A 203 5.94 28.33 -7.07
CA SER A 203 5.86 28.02 -8.50
C SER A 203 6.20 26.54 -8.68
N PRO A 204 5.48 25.85 -9.55
CA PRO A 204 5.75 24.42 -9.77
C PRO A 204 7.02 24.17 -10.57
N ILE A 205 7.52 22.94 -10.48
CA ILE A 205 8.69 22.53 -11.23
C ILE A 205 8.12 22.00 -12.52
N VAL A 206 8.50 22.60 -13.63
CA VAL A 206 7.97 22.20 -14.93
C VAL A 206 8.95 21.41 -15.78
N LYS A 207 8.45 20.34 -16.37
CA LYS A 207 9.26 19.49 -17.21
C LYS A 207 8.44 19.16 -18.45
N SER A 208 9.04 19.31 -19.63
CA SER A 208 8.33 19.00 -20.86
C SER A 208 9.20 18.79 -22.06
N PHE A 209 8.58 18.29 -23.12
CA PHE A 209 9.24 18.04 -24.38
C PHE A 209 8.23 18.28 -25.49
N ASN A 210 8.71 18.18 -26.73
CA ASN A 210 7.86 18.36 -27.89
C ASN A 210 8.00 17.14 -28.76
N ARG A 211 6.90 16.70 -29.35
CA ARG A 211 6.93 15.53 -30.22
C ARG A 211 7.80 15.84 -31.43
N ASN A 212 7.61 17.03 -31.98
CA ASN A 212 8.33 17.46 -33.16
C ASN A 212 9.84 17.60 -32.94
N GLU A 213 10.28 17.80 -31.71
CA GLU A 213 11.71 17.92 -31.47
C GLU A 213 12.28 16.51 -31.44
N CYS A 214 11.43 15.56 -31.06
CA CYS A 214 11.81 14.16 -30.97
C CYS A 214 10.81 13.40 -30.09
N GLN B 1 2.22 -21.66 23.19
CA GLN B 1 2.29 -20.60 22.15
C GLN B 1 0.97 -19.81 22.03
N ASP B 2 0.73 -19.27 20.83
CA ASP B 2 -0.47 -18.46 20.56
C ASP B 2 -0.37 -17.87 19.15
N GLN B 3 -1.22 -18.33 18.23
CA GLN B 3 -1.13 -17.85 16.85
C GLN B 3 -2.35 -18.10 15.97
N LEU B 4 -2.45 -17.31 14.89
CA LEU B 4 -3.53 -17.40 13.92
C LEU B 4 -2.88 -17.48 12.54
N GLN B 5 -3.22 -18.52 11.78
CA GLN B 5 -2.66 -18.72 10.44
C GLN B 5 -3.77 -18.77 9.41
N GLN B 6 -3.68 -17.89 8.41
CA GLN B 6 -4.71 -17.85 7.39
C GLN B 6 -4.33 -18.56 6.10
N SER B 7 -5.34 -18.86 5.29
CA SER B 7 -5.14 -19.53 4.02
C SER B 7 -4.56 -18.61 2.93
N GLY B 8 -4.09 -19.21 1.85
CA GLY B 8 -3.47 -18.44 0.78
C GLY B 8 -4.35 -17.53 -0.07
N ALA B 9 -3.67 -16.69 -0.84
CA ALA B 9 -4.31 -15.72 -1.73
C ALA B 9 -5.34 -16.41 -2.62
N GLU B 10 -6.40 -15.69 -2.95
CA GLU B 10 -7.48 -16.21 -3.77
C GLU B 10 -7.71 -15.34 -4.99
N LEU B 11 -7.86 -15.98 -6.15
CA LEU B 11 -8.16 -15.28 -7.39
C LEU B 11 -9.51 -15.83 -7.83
N VAL B 12 -10.58 -15.11 -7.51
CA VAL B 12 -11.92 -15.55 -7.88
C VAL B 12 -12.59 -14.67 -8.91
N ARG B 13 -13.57 -15.23 -9.61
CA ARG B 13 -14.29 -14.52 -10.65
C ARG B 13 -15.53 -13.80 -10.12
N PRO B 14 -15.89 -12.66 -10.73
CA PRO B 14 -17.08 -11.95 -10.25
C PRO B 14 -18.32 -12.83 -10.30
N GLY B 15 -19.15 -12.74 -9.26
CA GLY B 15 -20.36 -13.53 -9.17
C GLY B 15 -20.14 -14.83 -8.44
N ALA B 16 -18.87 -15.17 -8.22
CA ALA B 16 -18.54 -16.42 -7.54
C ALA B 16 -18.41 -16.21 -6.04
N SER B 17 -18.04 -17.29 -5.35
CA SER B 17 -17.87 -17.27 -3.91
C SER B 17 -16.49 -17.77 -3.56
N VAL B 18 -16.10 -17.55 -2.31
CA VAL B 18 -14.81 -18.01 -1.82
C VAL B 18 -14.97 -18.16 -0.32
N LYS B 19 -14.22 -19.10 0.24
CA LYS B 19 -14.27 -19.35 1.68
C LYS B 19 -12.87 -19.29 2.26
N LEU B 20 -12.67 -18.38 3.19
CA LEU B 20 -11.36 -18.21 3.81
C LEU B 20 -11.28 -18.92 5.15
N SER B 21 -10.08 -19.37 5.51
CA SER B 21 -9.93 -20.07 6.79
C SER B 21 -8.86 -19.46 7.69
N CYS B 22 -9.03 -19.67 8.98
CA CYS B 22 -8.13 -19.15 10.00
C CYS B 22 -7.86 -20.23 11.04
N LYS B 23 -6.67 -20.81 10.96
CA LYS B 23 -6.23 -21.86 11.88
C LYS B 23 -5.70 -21.21 13.15
N ALA B 24 -6.22 -21.64 14.29
CA ALA B 24 -5.77 -21.12 15.57
C ALA B 24 -4.86 -22.14 16.24
N LEU B 25 -3.74 -21.67 16.78
CA LEU B 25 -2.76 -22.53 17.45
C LEU B 25 -2.28 -21.90 18.75
N GLY B 26 -1.82 -22.73 19.67
CA GLY B 26 -1.31 -22.27 20.94
C GLY B 26 -2.27 -21.80 22.03
N TYR B 27 -3.57 -21.94 21.82
CA TYR B 27 -4.51 -21.50 22.86
C TYR B 27 -5.86 -22.20 22.75
N ILE B 28 -6.65 -22.16 23.83
CA ILE B 28 -7.95 -22.81 23.81
C ILE B 28 -8.96 -22.10 22.92
N PHE B 29 -9.08 -22.64 21.72
CA PHE B 29 -9.97 -22.18 20.65
C PHE B 29 -11.38 -21.84 21.08
N THR B 30 -11.97 -22.70 21.91
CA THR B 30 -13.35 -22.48 22.34
C THR B 30 -13.49 -21.48 23.48
N ASP B 31 -12.43 -20.73 23.76
CA ASP B 31 -12.49 -19.75 24.82
C ASP B 31 -12.47 -18.29 24.35
N TYR B 32 -12.06 -18.05 23.10
CA TYR B 32 -12.01 -16.68 22.61
C TYR B 32 -12.75 -16.50 21.29
N GLU B 33 -13.26 -15.30 21.09
CA GLU B 33 -13.96 -14.98 19.86
C GLU B 33 -12.91 -14.76 18.78
N ILE B 34 -13.31 -15.01 17.54
CA ILE B 34 -12.43 -14.80 16.41
C ILE B 34 -13.20 -13.86 15.49
N HIS B 35 -12.59 -12.72 15.18
CA HIS B 35 -13.23 -11.74 14.32
C HIS B 35 -12.51 -11.60 13.00
N TRP B 36 -13.25 -11.18 11.98
CA TRP B 36 -12.69 -10.98 10.66
C TRP B 36 -12.75 -9.50 10.31
N VAL B 37 -11.64 -9.00 9.79
CA VAL B 37 -11.51 -7.61 9.42
C VAL B 37 -11.09 -7.45 7.96
N LYS B 38 -11.71 -6.51 7.27
CA LYS B 38 -11.38 -6.22 5.88
C LYS B 38 -10.58 -4.91 5.77
N GLN B 39 -9.61 -4.89 4.87
CA GLN B 39 -8.79 -3.70 4.66
C GLN B 39 -8.57 -3.41 3.18
N THR B 40 -8.88 -2.19 2.76
CA THR B 40 -8.68 -1.79 1.38
C THR B 40 -8.07 -0.41 1.42
N PRO B 41 -7.31 -0.04 0.38
CA PRO B 41 -6.67 1.28 0.30
C PRO B 41 -7.72 2.37 0.51
N VAL B 42 -8.77 2.31 -0.30
CA VAL B 42 -9.85 3.28 -0.25
C VAL B 42 -10.72 3.29 1.03
N HIS B 43 -11.15 2.13 1.51
CA HIS B 43 -12.00 2.13 2.69
C HIS B 43 -11.35 1.84 4.03
N GLY B 44 -10.05 1.56 4.05
CA GLY B 44 -9.41 1.29 5.32
C GLY B 44 -9.90 0.03 5.99
N LEU B 45 -9.85 0.03 7.32
CA LEU B 45 -10.29 -1.12 8.12
C LEU B 45 -11.80 -1.18 8.35
N GLU B 46 -12.37 -2.37 8.20
CA GLU B 46 -13.80 -2.57 8.44
C GLU B 46 -14.02 -3.90 9.11
N TRP B 47 -14.63 -3.85 10.30
CA TRP B 47 -14.95 -5.07 11.02
C TRP B 47 -16.08 -5.77 10.28
N ILE B 48 -15.88 -7.03 9.92
CA ILE B 48 -16.92 -7.76 9.21
C ILE B 48 -17.86 -8.47 10.18
N GLY B 49 -17.26 -9.14 11.18
CA GLY B 49 -18.05 -9.85 12.17
C GLY B 49 -17.21 -10.80 12.99
N GLY B 50 -17.84 -11.48 13.95
CA GLY B 50 -17.13 -12.41 14.80
C GLY B 50 -17.92 -13.68 15.12
N ILE B 51 -17.23 -14.66 15.69
CA ILE B 51 -17.86 -15.92 16.05
C ILE B 51 -17.20 -16.49 17.32
N HIS B 52 -18.01 -17.11 18.18
CA HIS B 52 -17.48 -17.73 19.39
C HIS B 52 -17.53 -19.23 19.12
N PRO B 53 -16.36 -19.86 18.92
CA PRO B 53 -16.30 -21.30 18.65
C PRO B 53 -16.93 -22.14 19.77
N GLY B 54 -16.84 -21.64 21.00
CA GLY B 54 -17.39 -22.35 22.13
C GLY B 54 -18.91 -22.40 22.15
N SER B 55 -19.56 -21.33 21.70
CA SER B 55 -21.01 -21.26 21.70
C SER B 55 -21.62 -21.09 20.31
N SER B 56 -20.78 -21.05 19.28
CA SER B 56 -21.28 -20.89 17.92
C SER B 56 -21.95 -19.54 17.75
N GLY B 57 -21.83 -18.68 18.75
CA GLY B 57 -22.44 -17.36 18.65
C GLY B 57 -21.70 -16.50 17.64
N THR B 58 -22.45 -15.68 16.91
CA THR B 58 -21.88 -14.82 15.90
C THR B 58 -22.51 -13.44 15.95
N ALA B 59 -21.81 -12.46 15.37
CA ALA B 59 -22.29 -11.09 15.31
C ALA B 59 -21.70 -10.52 14.04
N TYR B 60 -22.52 -9.87 13.21
CA TYR B 60 -22.03 -9.31 11.96
C TYR B 60 -22.19 -7.81 11.84
N ASN B 61 -21.38 -7.23 10.96
CA ASN B 61 -21.45 -5.83 10.65
C ASN B 61 -22.67 -5.81 9.72
N GLN B 62 -23.67 -5.01 10.04
CA GLN B 62 -24.90 -4.91 9.24
C GLN B 62 -24.58 -4.86 7.76
N LYS B 63 -23.49 -4.18 7.42
CA LYS B 63 -23.04 -4.01 6.05
C LYS B 63 -22.68 -5.36 5.38
N PHE B 64 -22.45 -6.40 6.20
CA PHE B 64 -22.09 -7.71 5.66
C PHE B 64 -23.10 -8.82 5.91
N LYS B 65 -24.14 -8.49 6.68
CA LYS B 65 -25.20 -9.46 6.97
C LYS B 65 -25.81 -9.85 5.63
N GLY B 66 -25.59 -11.09 5.22
CA GLY B 66 -26.13 -11.55 3.95
C GLY B 66 -25.07 -11.68 2.88
N LYS B 67 -23.86 -11.24 3.19
CA LYS B 67 -22.75 -11.31 2.25
C LYS B 67 -21.69 -12.24 2.83
N ALA B 68 -21.42 -12.07 4.14
CA ALA B 68 -20.42 -12.87 4.82
C ALA B 68 -21.03 -13.86 5.82
N THR B 69 -20.51 -15.08 5.81
CA THR B 69 -21.00 -16.13 6.69
C THR B 69 -19.84 -16.68 7.48
N LEU B 70 -19.90 -16.57 8.81
CA LEU B 70 -18.80 -17.07 9.65
C LEU B 70 -19.15 -18.39 10.34
N THR B 71 -18.26 -19.36 10.22
CA THR B 71 -18.46 -20.65 10.85
C THR B 71 -17.17 -21.04 11.55
N ALA B 72 -17.26 -22.01 12.45
CA ALA B 72 -16.09 -22.46 13.18
C ALA B 72 -16.14 -23.98 13.31
N ASP B 73 -14.97 -24.61 13.32
CA ASP B 73 -14.85 -26.05 13.42
C ASP B 73 -13.96 -26.41 14.60
N LYS B 74 -14.58 -26.94 15.66
CA LYS B 74 -13.86 -27.31 16.88
C LYS B 74 -12.71 -28.29 16.71
N SER B 75 -12.92 -29.35 15.92
CA SER B 75 -11.88 -30.37 15.73
C SER B 75 -10.62 -29.95 15.02
N SER B 76 -10.69 -28.92 14.19
CA SER B 76 -9.48 -28.45 13.52
C SER B 76 -9.11 -27.04 13.98
N THR B 77 -9.78 -26.56 15.03
CA THR B 77 -9.57 -25.22 15.59
C THR B 77 -9.38 -24.18 14.48
N THR B 78 -10.29 -24.21 13.52
CA THR B 78 -10.24 -23.31 12.38
C THR B 78 -11.51 -22.51 12.18
N ALA B 79 -11.40 -21.18 12.13
CA ALA B 79 -12.57 -20.34 11.89
C ALA B 79 -12.66 -20.12 10.38
N PHE B 80 -13.87 -20.07 9.83
CA PHE B 80 -14.08 -19.88 8.39
C PHE B 80 -14.93 -18.66 8.10
N MET B 81 -14.67 -18.02 6.97
CA MET B 81 -15.46 -16.88 6.54
C MET B 81 -15.75 -17.04 5.07
N GLU B 82 -17.03 -17.11 4.74
CA GLU B 82 -17.44 -17.24 3.36
C GLU B 82 -18.10 -15.95 2.85
N LEU B 83 -17.72 -15.57 1.64
CA LEU B 83 -18.23 -14.37 0.98
C LEU B 83 -18.88 -14.84 -0.32
N SER B 84 -20.08 -14.34 -0.62
CA SER B 84 -20.76 -14.72 -1.85
C SER B 84 -21.00 -13.55 -2.79
N SER B 85 -21.30 -13.85 -4.05
CA SER B 85 -21.54 -12.82 -5.07
C SER B 85 -20.48 -11.74 -4.98
N LEU B 86 -19.26 -12.09 -5.36
CA LEU B 86 -18.13 -11.18 -5.29
C LEU B 86 -18.02 -10.18 -6.43
N THR B 87 -17.56 -8.98 -6.09
CA THR B 87 -17.33 -7.92 -7.06
C THR B 87 -15.98 -7.31 -6.74
N SER B 88 -15.44 -6.51 -7.65
CA SER B 88 -14.15 -5.88 -7.39
C SER B 88 -14.17 -5.15 -6.03
N GLU B 89 -15.35 -4.80 -5.55
CA GLU B 89 -15.47 -4.12 -4.25
C GLU B 89 -15.05 -5.07 -3.13
N ASP B 90 -14.99 -6.37 -3.42
CA ASP B 90 -14.60 -7.34 -2.41
C ASP B 90 -13.13 -7.71 -2.47
N SER B 91 -12.40 -7.10 -3.40
CA SER B 91 -10.96 -7.34 -3.52
C SER B 91 -10.38 -6.58 -2.34
N ALA B 92 -9.68 -7.29 -1.48
CA ALA B 92 -9.10 -6.65 -0.30
C ALA B 92 -8.25 -7.68 0.43
N VAL B 93 -7.62 -7.23 1.50
CA VAL B 93 -6.86 -8.15 2.32
C VAL B 93 -7.81 -8.47 3.47
N TYR B 94 -7.97 -9.75 3.78
CA TYR B 94 -8.85 -10.12 4.89
C TYR B 94 -8.07 -10.71 6.06
N TYR B 95 -8.36 -10.21 7.26
CA TYR B 95 -7.68 -10.67 8.47
C TYR B 95 -8.64 -11.32 9.46
N CYS B 96 -8.11 -12.24 10.26
CA CYS B 96 -8.91 -12.82 11.33
C CYS B 96 -8.14 -12.36 12.54
N THR B 97 -8.84 -12.17 13.66
CA THR B 97 -8.15 -11.70 14.84
C THR B 97 -8.85 -12.12 16.11
N ARG B 98 -8.05 -12.26 17.16
CA ARG B 98 -8.58 -12.65 18.47
C ARG B 98 -8.61 -11.35 19.26
N LYS B 99 -8.36 -10.25 18.54
CA LYS B 99 -8.30 -8.90 19.08
C LYS B 99 -6.92 -8.55 19.59
N ASP B 100 -6.16 -9.56 20.03
CA ASP B 100 -4.79 -9.27 20.41
C ASP B 100 -3.95 -9.80 19.25
N TYR B 101 -4.10 -11.09 18.94
CA TYR B 101 -3.35 -11.68 17.84
C TYR B 101 -4.08 -11.45 16.53
N TRP B 102 -3.30 -11.32 15.45
CA TRP B 102 -3.85 -11.11 14.12
C TRP B 102 -3.26 -12.15 13.17
N GLY B 103 -4.06 -12.57 12.20
CA GLY B 103 -3.54 -13.52 11.23
C GLY B 103 -2.65 -12.70 10.32
N GLN B 104 -1.96 -13.34 9.39
CA GLN B 104 -1.08 -12.60 8.51
C GLN B 104 -1.89 -12.02 7.36
N GLY B 105 -3.14 -12.45 7.28
CA GLY B 105 -4.02 -11.94 6.24
C GLY B 105 -4.07 -12.76 4.97
N THR B 106 -5.21 -12.64 4.29
CA THR B 106 -5.45 -13.33 3.04
C THR B 106 -5.86 -12.33 1.97
N LEU B 107 -5.07 -12.27 0.90
CA LEU B 107 -5.35 -11.37 -0.20
C LEU B 107 -6.37 -12.02 -1.10
N VAL B 108 -7.43 -11.30 -1.41
CA VAL B 108 -8.48 -11.79 -2.29
C VAL B 108 -8.63 -10.83 -3.46
N THR B 109 -8.38 -11.32 -4.67
CA THR B 109 -8.49 -10.50 -5.86
C THR B 109 -9.70 -10.96 -6.66
N VAL B 110 -10.62 -10.05 -6.95
CA VAL B 110 -11.79 -10.40 -7.73
C VAL B 110 -11.56 -9.81 -9.12
N SER B 111 -11.39 -10.69 -10.11
CA SER B 111 -11.15 -10.24 -11.46
C SER B 111 -11.49 -11.30 -12.49
N ALA B 112 -11.80 -10.84 -13.70
CA ALA B 112 -12.10 -11.73 -14.80
C ALA B 112 -10.83 -11.88 -15.63
N ALA B 113 -9.86 -11.00 -15.38
CA ALA B 113 -8.59 -10.98 -16.09
C ALA B 113 -7.95 -12.36 -16.25
N LYS B 114 -7.22 -12.51 -17.34
CA LYS B 114 -6.54 -13.76 -17.62
C LYS B 114 -5.03 -13.54 -17.59
N THR B 115 -4.29 -14.61 -17.33
CA THR B 115 -2.84 -14.48 -17.29
C THR B 115 -2.38 -13.78 -18.55
N THR B 116 -1.68 -12.66 -18.38
CA THR B 116 -1.18 -11.91 -19.53
C THR B 116 0.24 -11.42 -19.29
N ALA B 117 1.12 -11.70 -20.25
CA ALA B 117 2.51 -11.29 -20.16
C ALA B 117 2.63 -9.76 -20.28
N PRO B 118 3.56 -9.16 -19.54
CA PRO B 118 3.77 -7.71 -19.55
C PRO B 118 4.57 -7.21 -20.74
N SER B 119 4.21 -6.04 -21.25
CA SER B 119 4.96 -5.44 -22.33
C SER B 119 6.00 -4.64 -21.55
N VAL B 120 7.27 -4.71 -21.96
CA VAL B 120 8.31 -3.98 -21.25
C VAL B 120 8.96 -2.96 -22.18
N TYR B 121 8.83 -1.68 -21.83
CA TYR B 121 9.38 -0.62 -22.66
C TYR B 121 10.55 0.12 -22.02
N PRO B 122 11.58 0.44 -22.82
CA PRO B 122 12.75 1.16 -22.34
C PRO B 122 12.45 2.63 -22.27
N LEU B 123 12.73 3.26 -21.14
CA LEU B 123 12.47 4.68 -20.98
C LEU B 123 13.77 5.47 -20.94
N VAL B 124 14.07 6.13 -22.06
CA VAL B 124 15.28 6.94 -22.18
C VAL B 124 14.95 8.40 -21.97
N PRO B 125 15.93 9.18 -21.51
CA PRO B 125 15.69 10.61 -21.28
C PRO B 125 15.31 11.32 -22.56
N VAL B 126 14.64 12.46 -22.43
CA VAL B 126 14.26 13.21 -23.62
C VAL B 126 15.54 13.53 -24.39
N CYS B 127 15.46 13.54 -25.72
CA CYS B 127 16.63 13.82 -26.55
C CYS B 127 17.40 15.00 -26.00
N GLY B 128 18.63 14.73 -25.57
CA GLY B 128 19.47 15.76 -24.98
C GLY B 128 19.33 15.63 -23.48
N GLY B 129 18.58 16.54 -22.87
CA GLY B 129 18.35 16.52 -21.42
C GLY B 129 19.48 15.96 -20.58
N THR B 130 20.72 16.20 -21.01
CA THR B 130 21.89 15.73 -20.30
C THR B 130 22.28 16.73 -19.22
N THR B 131 21.65 17.91 -19.26
CA THR B 131 21.96 18.96 -18.30
C THR B 131 21.83 18.45 -16.86
N GLY B 132 22.97 18.25 -16.24
CA GLY B 132 23.00 17.76 -14.86
C GLY B 132 24.12 16.76 -14.69
N SER B 133 24.52 16.55 -13.44
CA SER B 133 25.58 15.61 -13.15
C SER B 133 25.06 14.17 -13.15
N SER B 134 23.73 14.03 -13.24
CA SER B 134 23.15 12.70 -13.23
C SER B 134 22.16 12.50 -14.36
N VAL B 135 21.79 11.24 -14.59
CA VAL B 135 20.80 10.94 -15.62
C VAL B 135 19.85 9.89 -15.06
N THR B 136 18.56 10.12 -15.25
CA THR B 136 17.53 9.20 -14.77
C THR B 136 16.93 8.45 -15.96
N LEU B 137 16.89 7.13 -15.83
CA LEU B 137 16.32 6.29 -16.88
C LEU B 137 15.15 5.52 -16.29
N GLY B 138 14.25 5.05 -17.14
CA GLY B 138 13.10 4.32 -16.65
C GLY B 138 12.78 3.02 -17.35
N CYS B 139 11.83 2.29 -16.76
CA CYS B 139 11.37 1.02 -17.30
C CYS B 139 9.87 0.88 -17.00
N LEU B 140 9.06 0.74 -18.03
CA LEU B 140 7.61 0.62 -17.89
C LEU B 140 7.13 -0.80 -18.18
N VAL B 141 6.59 -1.47 -17.16
CA VAL B 141 6.08 -2.84 -17.29
C VAL B 141 4.56 -2.72 -17.35
N LYS B 142 4.02 -2.75 -18.57
CA LYS B 142 2.60 -2.56 -18.79
C LYS B 142 1.75 -3.76 -19.23
N GLY B 143 0.51 -3.77 -18.73
CA GLY B 143 -0.45 -4.81 -19.06
C GLY B 143 -0.18 -6.27 -18.72
N TYR B 144 0.10 -6.56 -17.45
CA TYR B 144 0.32 -7.95 -17.08
C TYR B 144 -0.68 -8.39 -16.01
N PHE B 145 -0.84 -9.71 -15.89
CA PHE B 145 -1.74 -10.30 -14.92
C PHE B 145 -1.44 -11.78 -14.73
N PRO B 146 -1.35 -12.23 -13.47
CA PRO B 146 -1.53 -11.40 -12.29
C PRO B 146 -0.17 -11.03 -11.74
N GLU B 147 -0.14 -10.60 -10.49
CA GLU B 147 1.12 -10.26 -9.85
C GLU B 147 1.64 -11.58 -9.32
N PRO B 148 2.90 -11.61 -8.86
CA PRO B 148 3.79 -10.45 -8.83
C PRO B 148 4.63 -10.40 -10.09
N VAL B 149 5.60 -9.51 -10.06
CA VAL B 149 6.52 -9.34 -11.17
C VAL B 149 7.77 -8.84 -10.46
N THR B 150 8.94 -9.16 -10.96
CA THR B 150 10.15 -8.69 -10.33
C THR B 150 11.01 -8.07 -11.41
N LEU B 151 11.57 -6.91 -11.13
CA LEU B 151 12.44 -6.26 -12.07
C LEU B 151 13.64 -5.71 -11.33
N THR B 152 14.79 -5.78 -11.98
CA THR B 152 16.02 -5.30 -11.40
C THR B 152 16.80 -4.65 -12.53
N TRP B 153 17.86 -3.94 -12.19
CA TRP B 153 18.68 -3.29 -13.19
C TRP B 153 20.04 -3.97 -13.26
N ASN B 154 20.51 -4.17 -14.49
CA ASN B 154 21.78 -4.84 -14.73
C ASN B 154 21.89 -6.05 -13.81
N SER B 155 20.84 -6.86 -13.81
CA SER B 155 20.77 -8.07 -13.01
C SER B 155 21.07 -7.84 -11.54
N GLY B 156 20.33 -6.93 -10.91
CA GLY B 156 20.52 -6.65 -9.50
C GLY B 156 21.81 -5.93 -9.15
N SER B 157 22.72 -5.84 -10.11
CA SER B 157 24.00 -5.18 -9.92
C SER B 157 23.81 -3.68 -9.66
N LEU B 158 22.67 -3.16 -10.11
CA LEU B 158 22.33 -1.76 -9.93
C LEU B 158 21.13 -1.72 -8.97
N SER B 159 21.38 -1.30 -7.73
CA SER B 159 20.34 -1.23 -6.71
C SER B 159 20.20 0.15 -6.09
N SER B 160 21.29 0.91 -6.06
CA SER B 160 21.23 2.24 -5.47
C SER B 160 20.63 3.20 -6.50
N GLY B 161 19.94 4.22 -6.02
CA GLY B 161 19.33 5.18 -6.92
C GLY B 161 18.20 4.58 -7.74
N VAL B 162 17.66 3.46 -7.29
CA VAL B 162 16.56 2.79 -7.98
C VAL B 162 15.23 2.95 -7.24
N HIS B 163 14.17 3.23 -7.99
CA HIS B 163 12.84 3.39 -7.40
C HIS B 163 11.84 2.58 -8.21
N THR B 164 11.46 1.43 -7.70
CA THR B 164 10.46 0.60 -8.38
C THR B 164 9.14 0.91 -7.66
N PHE B 165 8.19 1.49 -8.39
CA PHE B 165 6.90 1.86 -7.82
C PHE B 165 5.88 0.73 -7.77
N PRO B 166 4.99 0.78 -6.77
CA PRO B 166 3.95 -0.24 -6.62
C PRO B 166 3.10 -0.27 -7.87
N ALA B 167 2.72 -1.47 -8.29
CA ALA B 167 1.90 -1.62 -9.48
C ALA B 167 0.48 -1.14 -9.23
N LEU B 168 -0.28 -0.94 -10.29
CA LEU B 168 -1.66 -0.52 -10.16
C LEU B 168 -2.48 -1.05 -11.33
N LEU B 169 -3.77 -1.25 -11.10
CA LEU B 169 -4.66 -1.74 -12.15
C LEU B 169 -4.90 -0.69 -13.22
N GLN B 170 -4.70 -1.10 -14.46
CA GLN B 170 -4.87 -0.22 -15.61
C GLN B 170 -5.69 -0.99 -16.62
N SER B 171 -6.98 -0.67 -16.71
CA SER B 171 -7.89 -1.34 -17.62
C SER B 171 -7.87 -2.86 -17.40
N GLY B 172 -8.13 -3.26 -16.15
CA GLY B 172 -8.18 -4.67 -15.77
C GLY B 172 -6.80 -5.36 -15.61
N LEU B 173 -5.73 -4.72 -16.09
CA LEU B 173 -4.40 -5.30 -15.98
C LEU B 173 -3.49 -4.47 -15.10
N TYR B 174 -2.34 -5.03 -14.76
CA TYR B 174 -1.37 -4.34 -13.90
C TYR B 174 -0.24 -3.62 -14.66
N THR B 175 0.16 -2.46 -14.14
CA THR B 175 1.24 -1.68 -14.72
C THR B 175 2.21 -1.27 -13.62
N LEU B 176 3.49 -1.21 -13.96
CA LEU B 176 4.54 -0.87 -13.01
C LEU B 176 5.65 -0.11 -13.71
N SER B 177 6.32 0.76 -12.97
CA SER B 177 7.43 1.54 -13.53
C SER B 177 8.57 1.65 -12.54
N SER B 178 9.79 1.72 -13.06
CA SER B 178 10.97 1.81 -12.20
C SER B 178 11.95 2.82 -12.74
N SER B 179 12.48 3.67 -11.87
CA SER B 179 13.47 4.64 -12.30
C SER B 179 14.79 4.35 -11.60
N VAL B 180 15.87 4.72 -12.28
CA VAL B 180 17.22 4.53 -11.76
C VAL B 180 18.05 5.73 -12.17
N THR B 181 18.82 6.26 -11.22
CA THR B 181 19.64 7.44 -11.47
C THR B 181 21.14 7.15 -11.34
N VAL B 182 21.88 7.46 -12.39
CA VAL B 182 23.32 7.25 -12.41
C VAL B 182 23.95 8.59 -12.78
N THR B 183 25.26 8.72 -12.58
CA THR B 183 25.92 9.98 -12.92
C THR B 183 25.98 10.16 -14.44
N SER B 184 25.93 11.41 -14.88
CA SER B 184 25.95 11.79 -16.30
C SER B 184 26.86 10.95 -17.21
N ASN B 185 28.17 11.09 -17.03
CA ASN B 185 29.14 10.38 -17.86
C ASN B 185 29.01 8.85 -17.83
N THR B 186 28.39 8.31 -16.80
CA THR B 186 28.21 6.85 -16.71
C THR B 186 27.43 6.31 -17.91
N TRP B 187 26.27 6.90 -18.19
CA TRP B 187 25.40 6.49 -19.29
C TRP B 187 25.49 7.52 -20.41
N PRO B 188 25.42 7.09 -21.69
CA PRO B 188 25.26 5.71 -22.19
C PRO B 188 26.53 4.90 -22.45
N SER B 189 27.71 5.48 -22.20
CA SER B 189 28.95 4.75 -22.43
C SER B 189 28.81 3.33 -21.89
N GLN B 190 28.41 3.21 -20.63
CA GLN B 190 28.20 1.90 -20.03
C GLN B 190 26.73 1.56 -20.27
N THR B 191 26.41 0.28 -20.38
CA THR B 191 25.02 -0.09 -20.65
C THR B 191 24.20 -0.34 -19.41
N ILE B 192 22.92 0.03 -19.49
CA ILE B 192 21.98 -0.16 -18.39
C ILE B 192 20.77 -0.90 -18.95
N THR B 193 20.52 -2.11 -18.44
CA THR B 193 19.41 -2.92 -18.91
C THR B 193 18.39 -3.16 -17.80
N CYS B 194 17.13 -3.31 -18.20
CA CYS B 194 16.05 -3.57 -17.26
C CYS B 194 15.66 -5.05 -17.38
N ASN B 195 15.76 -5.78 -16.28
CA ASN B 195 15.40 -7.21 -16.29
C ASN B 195 14.00 -7.35 -15.70
N VAL B 196 13.08 -7.90 -16.48
CA VAL B 196 11.74 -8.08 -16.01
C VAL B 196 11.33 -9.54 -16.17
N ALA B 197 10.89 -10.14 -15.08
CA ALA B 197 10.45 -11.52 -15.13
C ALA B 197 9.02 -11.59 -14.62
N HIS B 198 8.20 -12.42 -15.24
CA HIS B 198 6.82 -12.61 -14.83
C HIS B 198 6.50 -14.10 -14.73
N PRO B 199 6.85 -14.72 -13.59
CA PRO B 199 6.62 -16.13 -13.33
C PRO B 199 5.32 -16.70 -13.89
N ALA B 200 4.19 -16.12 -13.48
CA ALA B 200 2.87 -16.57 -13.93
C ALA B 200 2.81 -16.96 -15.40
N SER B 201 3.45 -16.16 -16.26
CA SER B 201 3.44 -16.44 -17.69
C SER B 201 4.78 -16.95 -18.18
N SER B 202 5.64 -17.37 -17.25
CA SER B 202 6.98 -17.85 -17.58
C SER B 202 7.60 -16.92 -18.63
N THR B 203 7.74 -15.66 -18.27
CA THR B 203 8.32 -14.65 -19.14
C THR B 203 9.57 -14.04 -18.50
N LYS B 204 10.59 -13.85 -19.33
CA LYS B 204 11.84 -13.25 -18.90
C LYS B 204 12.15 -12.20 -19.98
N VAL B 205 12.22 -10.94 -19.57
CA VAL B 205 12.50 -9.89 -20.55
C VAL B 205 13.50 -8.85 -20.08
N ASP B 206 14.64 -8.83 -20.75
CA ASP B 206 15.69 -7.86 -20.46
C ASP B 206 15.70 -6.88 -21.61
N LYS B 207 15.96 -5.61 -21.33
CA LYS B 207 16.03 -4.64 -22.42
C LYS B 207 16.87 -3.41 -22.09
N LYS B 208 17.87 -3.20 -22.92
CA LYS B 208 18.79 -2.08 -22.81
C LYS B 208 18.12 -0.74 -23.08
N ILE B 209 18.47 0.26 -22.27
CA ILE B 209 17.93 1.60 -22.48
C ILE B 209 18.88 2.27 -23.46
N GLU B 210 18.41 2.41 -24.70
CA GLU B 210 19.17 3.01 -25.78
C GLU B 210 18.78 4.48 -25.96
N PRO B 211 19.77 5.36 -26.12
CA PRO B 211 19.47 6.79 -26.31
C PRO B 211 18.55 6.99 -27.53
N ARG B 212 17.68 8.00 -27.46
CA ARG B 212 16.75 8.30 -28.53
C ARG B 212 17.46 8.97 -29.72
N VAL B 213 16.81 8.94 -30.88
CA VAL B 213 17.33 9.55 -32.12
C VAL B 213 18.16 8.56 -32.95
N ASP C 1 -1.38 -15.38 27.44
CA ASP C 1 -1.16 -14.13 28.21
C ASP C 1 -2.49 -13.45 28.55
N ALA C 2 -3.21 -13.02 27.52
CA ALA C 2 -4.50 -12.34 27.72
C ALA C 2 -5.64 -13.32 27.95
N THR C 3 -6.61 -12.87 28.73
CA THR C 3 -7.77 -13.67 29.06
C THR C 3 -8.98 -13.18 28.29
N PRO C 4 -10.12 -13.90 28.41
CA PRO C 4 -11.32 -13.48 27.69
C PRO C 4 -11.78 -12.04 28.02
N GLU C 5 -11.00 -11.33 28.84
CA GLU C 5 -11.28 -9.92 29.17
C GLU C 5 -10.87 -9.23 27.87
N TRP C 6 -11.21 -9.93 26.79
CA TRP C 6 -10.91 -9.57 25.43
C TRP C 6 -12.22 -9.54 24.64
N LEU C 7 -13.13 -10.43 25.04
CA LEU C 7 -14.38 -10.59 24.34
C LEU C 7 -15.38 -11.39 25.19
N GLY C 8 -15.29 -12.71 25.08
CA GLY C 8 -16.15 -13.59 25.85
C GLY C 8 -17.65 -13.47 25.64
N ALA C 9 -18.12 -12.27 25.27
CA ALA C 9 -19.56 -12.05 25.06
C ALA C 9 -20.18 -13.00 24.04
N ARG C 10 -19.46 -14.08 23.73
CA ARG C 10 -19.88 -15.10 22.78
C ARG C 10 -20.41 -14.54 21.47
N LEU C 11 -20.19 -13.24 21.25
CA LEU C 11 -20.67 -12.56 20.04
C LEU C 11 -22.08 -12.97 19.65
N NH2 C 12 -23.07 -12.25 20.18
#